data_4UQW
#
_entry.id   4UQW
#
_cell.length_a   90.530
_cell.length_b   90.530
_cell.length_c   54.310
_cell.angle_alpha   90.00
_cell.angle_beta   90.00
_cell.angle_gamma   90.00
#
_symmetry.space_group_name_H-M   'P 41'
#
loop_
_entity.id
_entity.type
_entity.pdbx_description
1 polymer 'PROTEIN CLPV1'
2 non-polymer BENZAMIDINE
3 water water
#
_entity_poly.entity_id   1
_entity_poly.type   'polypeptide(L)'
_entity_poly.pdbx_seq_one_letter_code
;SHMSEISRVALFGKLNSLAYKAIEAATVFCKLRGNPYVELVHWFHQILQLPDSDLHQIVRQSGIDPARLAKDLTEALDRL
PRGSTSITDLSSHVEEAVERGWVYGSLMFGESQVRTGYLVIGILKTPSLRHALTGLSAEFAKLKVEALTERFDEYVGASP
ENG
;
_entity_poly.pdbx_strand_id   A,B
#
# COMPACT_ATOMS: atom_id res chain seq x y z
N SER A 1 0.22 -19.28 -6.50
CA SER A 1 -0.48 -18.88 -5.29
C SER A 1 0.11 -17.59 -4.70
N HIS A 2 -0.58 -17.02 -3.71
CA HIS A 2 -0.09 -15.80 -3.04
C HIS A 2 1.25 -16.05 -2.35
N MET A 3 1.60 -17.33 -2.21
CA MET A 3 2.79 -17.74 -1.49
C MET A 3 3.95 -18.10 -2.42
N SER A 4 3.83 -17.86 -3.72
CA SER A 4 4.98 -18.06 -4.61
C SER A 4 6.08 -16.97 -4.53
N GLU A 5 5.69 -15.71 -4.37
CA GLU A 5 6.63 -14.58 -4.29
C GLU A 5 6.13 -13.62 -3.23
N ILE A 6 6.98 -12.74 -2.72
CA ILE A 6 6.55 -11.71 -1.78
C ILE A 6 5.55 -10.77 -2.44
N SER A 7 4.44 -10.50 -1.78
CA SER A 7 3.39 -9.66 -2.38
CA SER A 7 3.42 -9.67 -2.41
C SER A 7 3.67 -8.18 -2.20
N ARG A 8 3.27 -7.36 -3.19
CA ARG A 8 3.44 -5.92 -3.01
C ARG A 8 2.67 -5.41 -1.78
N VAL A 9 1.49 -5.98 -1.51
CA VAL A 9 0.74 -5.45 -0.38
C VAL A 9 1.50 -5.62 0.93
N ALA A 10 2.22 -6.74 1.07
CA ALA A 10 3.04 -6.93 2.27
C ALA A 10 4.28 -6.05 2.27
N LEU A 11 4.96 -5.97 1.13
CA LEU A 11 6.20 -5.23 1.01
C LEU A 11 5.96 -3.73 1.23
N PHE A 12 5.07 -3.15 0.39
CA PHE A 12 4.78 -1.72 0.52
C PHE A 12 4.04 -1.39 1.79
N GLY A 13 3.34 -2.38 2.35
CA GLY A 13 2.65 -2.22 3.63
C GLY A 13 3.63 -1.88 4.76
N LYS A 14 4.94 -2.13 4.58
CA LYS A 14 5.87 -1.73 5.62
C LYS A 14 6.22 -0.22 5.60
N LEU A 15 5.87 0.49 4.53
CA LEU A 15 6.17 1.91 4.43
C LEU A 15 5.41 2.72 5.46
N ASN A 16 6.03 3.75 6.01
CA ASN A 16 5.26 4.72 6.82
C ASN A 16 4.34 5.56 5.97
N SER A 17 3.54 6.44 6.59
CA SER A 17 2.50 7.09 5.83
CA SER A 17 2.51 7.18 5.89
C SER A 17 3.10 8.10 4.86
N LEU A 18 4.16 8.77 5.25
CA LEU A 18 4.74 9.77 4.34
C LEU A 18 5.26 9.06 3.07
N ALA A 19 6.03 7.98 3.24
CA ALA A 19 6.61 7.27 2.11
C ALA A 19 5.54 6.65 1.24
N TYR A 20 4.49 6.05 1.83
CA TYR A 20 3.48 5.37 1.04
C TYR A 20 2.62 6.41 0.31
N LYS A 21 2.28 7.49 0.98
CA LYS A 21 1.48 8.53 0.27
C LYS A 21 2.29 9.10 -0.88
N ALA A 22 3.62 9.14 -0.72
CA ALA A 22 4.42 9.67 -1.84
C ALA A 22 4.51 8.69 -3.00
N ILE A 23 4.47 7.36 -2.76
CA ILE A 23 4.34 6.34 -3.82
C ILE A 23 3.04 6.61 -4.59
N GLU A 24 1.96 6.83 -3.87
CA GLU A 24 0.67 7.13 -4.52
C GLU A 24 0.78 8.39 -5.34
N ALA A 25 1.35 9.45 -4.80
CA ALA A 25 1.48 10.71 -5.53
C ALA A 25 2.38 10.52 -6.75
N ALA A 26 3.45 9.73 -6.59
CA ALA A 26 4.34 9.44 -7.69
C ALA A 26 3.64 8.71 -8.80
N THR A 27 2.72 7.82 -8.42
CA THR A 27 1.96 7.10 -9.43
C THR A 27 1.05 8.05 -10.21
N VAL A 28 0.38 8.94 -9.49
CA VAL A 28 -0.53 9.88 -10.17
C VAL A 28 0.30 10.75 -11.14
N PHE A 29 1.46 11.20 -10.69
CA PHE A 29 2.33 12.06 -11.53
C PHE A 29 2.83 11.32 -12.75
N CYS A 30 3.34 10.10 -12.51
CA CYS A 30 3.84 9.25 -13.59
C CYS A 30 2.77 9.07 -14.69
N LYS A 31 1.56 8.81 -14.26
CA LYS A 31 0.45 8.60 -15.20
C LYS A 31 0.10 9.87 -15.95
N LEU A 32 0.11 11.02 -15.27
CA LEU A 32 -0.19 12.29 -15.95
C LEU A 32 0.83 12.56 -17.05
N ARG A 33 2.08 12.17 -16.81
CA ARG A 33 3.15 12.40 -17.79
C ARG A 33 3.21 11.36 -18.90
N GLY A 34 2.52 10.26 -18.71
CA GLY A 34 2.57 9.14 -19.64
C GLY A 34 3.86 8.36 -19.59
N ASN A 35 4.51 8.37 -18.42
CA ASN A 35 5.74 7.57 -18.26
C ASN A 35 5.37 6.10 -17.98
N PRO A 36 6.17 5.13 -18.46
CA PRO A 36 5.67 3.75 -18.38
C PRO A 36 5.81 3.12 -17.01
N TYR A 37 6.75 3.63 -16.19
CA TYR A 37 7.02 3.03 -14.86
C TYR A 37 7.16 4.10 -13.84
N VAL A 38 6.57 3.86 -12.66
CA VAL A 38 6.82 4.69 -11.50
C VAL A 38 8.23 4.37 -10.96
N GLU A 39 9.11 5.36 -11.06
CA GLU A 39 10.54 5.15 -10.79
C GLU A 39 10.97 5.82 -9.53
N LEU A 40 12.21 5.48 -9.13
CA LEU A 40 12.77 6.18 -8.01
C LEU A 40 12.74 7.72 -8.20
N VAL A 41 12.97 8.19 -9.44
CA VAL A 41 12.99 9.65 -9.60
C VAL A 41 11.58 10.25 -9.31
N HIS A 42 10.49 9.56 -9.71
CA HIS A 42 9.15 10.08 -9.37
C HIS A 42 8.96 10.12 -7.87
N TRP A 43 9.38 9.06 -7.18
CA TRP A 43 9.11 8.91 -5.74
C TRP A 43 9.90 10.00 -4.99
N PHE A 44 11.20 10.12 -5.32
CA PHE A 44 12.04 11.08 -4.61
C PHE A 44 11.59 12.53 -4.94
N HIS A 45 11.23 12.79 -6.21
CA HIS A 45 10.71 14.12 -6.53
C HIS A 45 9.44 14.42 -5.66
N GLN A 46 8.55 13.45 -5.52
CA GLN A 46 7.33 13.69 -4.76
C GLN A 46 7.62 13.87 -3.29
N ILE A 47 8.58 13.13 -2.75
CA ILE A 47 8.94 13.32 -1.34
C ILE A 47 9.49 14.73 -1.13
N LEU A 48 10.29 15.23 -2.06
CA LEU A 48 10.93 16.53 -1.89
C LEU A 48 9.92 17.67 -2.12
N GLN A 49 8.73 17.36 -2.67
CA GLN A 49 7.65 18.37 -2.81
C GLN A 49 6.96 18.70 -1.47
N LEU A 50 7.12 17.83 -0.48
CA LEU A 50 6.53 18.00 0.83
C LEU A 50 7.27 19.11 1.61
N PRO A 51 6.65 19.60 2.67
CA PRO A 51 7.34 20.62 3.46
C PRO A 51 8.64 20.13 4.10
N ASP A 52 8.68 18.84 4.46
CA ASP A 52 9.85 18.26 5.14
C ASP A 52 9.76 16.75 5.09
N SER A 53 10.88 16.10 5.33
CA SER A 53 11.00 14.65 5.31
C SER A 53 12.40 14.25 5.75
N ASP A 54 12.65 12.96 5.92
CA ASP A 54 14.03 12.52 6.17
C ASP A 54 14.91 12.91 5.00
N LEU A 55 14.39 12.77 3.77
CA LEU A 55 15.20 13.09 2.61
C LEU A 55 15.63 14.57 2.61
N HIS A 56 14.71 15.50 2.94
CA HIS A 56 15.08 16.90 3.04
C HIS A 56 16.24 17.09 3.98
N GLN A 57 16.12 16.50 5.17
CA GLN A 57 17.12 16.71 6.20
C GLN A 57 18.43 16.05 5.87
N ILE A 58 18.39 14.85 5.30
CA ILE A 58 19.61 14.16 4.87
C ILE A 58 20.33 14.98 3.79
N VAL A 59 19.57 15.57 2.88
CA VAL A 59 20.18 16.43 1.84
C VAL A 59 20.90 17.57 2.53
N ARG A 60 20.24 18.21 3.51
CA ARG A 60 20.79 19.37 4.18
C ARG A 60 22.09 18.98 4.95
N GLN A 61 22.00 17.94 5.75
CA GLN A 61 23.09 17.58 6.65
C GLN A 61 24.28 16.95 5.91
N SER A 62 24.03 16.41 4.71
CA SER A 62 25.07 15.80 3.91
CA SER A 62 25.08 15.80 3.91
C SER A 62 25.82 16.81 3.06
N GLY A 63 25.39 18.07 3.08
CA GLY A 63 26.07 19.08 2.26
C GLY A 63 25.74 19.04 0.78
N ILE A 64 24.60 18.42 0.44
CA ILE A 64 24.07 18.47 -0.93
C ILE A 64 23.46 19.81 -1.19
N ASP A 65 23.61 20.31 -2.44
CA ASP A 65 22.98 21.55 -2.85
C ASP A 65 21.53 21.21 -3.24
N PRO A 66 20.55 21.59 -2.39
CA PRO A 66 19.20 21.14 -2.71
C PRO A 66 18.66 21.73 -4.00
N ALA A 67 19.17 22.90 -4.39
CA ALA A 67 18.69 23.48 -5.64
C ALA A 67 19.27 22.67 -6.81
N ARG A 68 20.51 22.24 -6.70
CA ARG A 68 21.06 21.42 -7.76
C ARG A 68 20.32 20.09 -7.90
N LEU A 69 20.02 19.47 -6.74
CA LEU A 69 19.30 18.21 -6.71
C LEU A 69 17.95 18.41 -7.37
N ALA A 70 17.28 19.52 -7.05
CA ALA A 70 15.94 19.76 -7.65
C ALA A 70 16.04 19.87 -9.18
N LYS A 71 17.08 20.57 -9.65
CA LYS A 71 17.32 20.76 -11.07
C LYS A 71 17.56 19.38 -11.73
N ASP A 72 18.42 18.58 -11.10
CA ASP A 72 18.73 17.30 -11.66
C ASP A 72 17.51 16.36 -11.72
N LEU A 73 16.69 16.35 -10.66
CA LEU A 73 15.54 15.46 -10.66
C LEU A 73 14.54 15.89 -11.71
N THR A 74 14.33 17.19 -11.85
CA THR A 74 13.41 17.74 -12.88
CA THR A 74 13.33 17.60 -12.84
C THR A 74 13.88 17.35 -14.26
N GLU A 75 15.18 17.51 -14.51
CA GLU A 75 15.71 17.12 -15.81
C GLU A 75 15.60 15.60 -16.08
N ALA A 76 15.86 14.75 -15.08
CA ALA A 76 15.67 13.32 -15.23
C ALA A 76 14.22 12.98 -15.53
N LEU A 77 13.29 13.63 -14.82
CA LEU A 77 11.86 13.39 -15.09
C LEU A 77 11.51 13.74 -16.53
N ASP A 78 12.01 14.88 -16.98
CA ASP A 78 11.66 15.42 -18.32
C ASP A 78 12.22 14.53 -19.42
N ARG A 79 13.23 13.75 -19.10
CA ARG A 79 13.86 12.88 -20.08
C ARG A 79 13.25 11.48 -20.17
N LEU A 80 12.42 11.08 -19.20
CA LEU A 80 11.80 9.77 -19.31
C LEU A 80 10.95 9.62 -20.54
N PRO A 81 10.80 8.38 -21.03
CA PRO A 81 9.91 8.19 -22.18
C PRO A 81 8.47 8.55 -21.84
N ARG A 82 7.74 9.08 -22.83
CA ARG A 82 6.39 9.58 -22.62
C ARG A 82 5.42 8.93 -23.56
N GLY A 83 4.17 9.33 -23.44
CA GLY A 83 3.11 8.81 -24.30
C GLY A 83 2.92 7.31 -24.23
N SER A 84 3.16 6.76 -23.05
CA SER A 84 3.00 5.34 -22.85
C SER A 84 1.53 5.06 -22.93
N THR A 85 1.16 4.09 -23.76
CA THR A 85 -0.21 3.66 -23.89
C THR A 85 -0.38 2.33 -23.15
N SER A 86 0.72 1.83 -22.62
CA SER A 86 0.68 0.58 -21.87
C SER A 86 0.05 0.81 -20.48
N ILE A 87 -0.20 -0.27 -19.77
CA ILE A 87 -0.65 -0.12 -18.41
C ILE A 87 0.60 0.25 -17.59
N THR A 88 0.46 1.29 -16.80
CA THR A 88 1.54 1.76 -15.95
C THR A 88 1.90 0.65 -14.94
N ASP A 89 3.17 0.61 -14.53
CA ASP A 89 3.59 -0.31 -13.46
C ASP A 89 4.68 0.35 -12.62
N LEU A 90 5.04 -0.36 -11.53
CA LEU A 90 6.17 0.13 -10.70
C LEU A 90 7.48 -0.38 -11.22
N SER A 91 8.51 0.47 -11.25
CA SER A 91 9.86 0.01 -11.51
C SER A 91 10.34 -1.08 -10.53
N SER A 92 11.07 -2.07 -11.04
CA SER A 92 11.68 -3.04 -10.17
C SER A 92 12.54 -2.33 -9.11
N HIS A 93 13.22 -1.23 -9.44
CA HIS A 93 14.04 -0.58 -8.43
C HIS A 93 13.24 -0.01 -7.28
N VAL A 94 11.97 0.37 -7.50
CA VAL A 94 11.18 0.90 -6.41
C VAL A 94 10.85 -0.29 -5.45
N GLU A 95 10.49 -1.45 -5.99
CA GLU A 95 10.25 -2.65 -5.14
C GLU A 95 11.53 -2.98 -4.36
N GLU A 96 12.65 -2.99 -5.07
CA GLU A 96 13.89 -3.39 -4.40
C GLU A 96 14.27 -2.41 -3.31
N ALA A 97 14.08 -1.12 -3.55
CA ALA A 97 14.42 -0.17 -2.49
C ALA A 97 13.54 -0.38 -1.25
N VAL A 98 12.25 -0.71 -1.42
CA VAL A 98 11.44 -0.94 -0.24
C VAL A 98 11.99 -2.17 0.50
N GLU A 99 12.34 -3.25 -0.22
CA GLU A 99 12.90 -4.42 0.50
C GLU A 99 14.16 -4.04 1.29
N ARG A 100 15.10 -3.34 0.65
CA ARG A 100 16.32 -2.97 1.38
C ARG A 100 16.02 -2.01 2.51
N GLY A 101 15.07 -1.08 2.35
CA GLY A 101 14.71 -0.21 3.47
C GLY A 101 14.11 -1.00 4.63
N TRP A 102 13.31 -2.02 4.31
CA TRP A 102 12.80 -2.91 5.37
C TRP A 102 13.93 -3.65 6.06
N VAL A 103 14.88 -4.22 5.30
CA VAL A 103 16.00 -4.90 5.96
C VAL A 103 16.75 -4.02 6.93
N TYR A 104 17.10 -2.79 6.51
CA TYR A 104 17.84 -1.94 7.44
C TYR A 104 16.96 -1.38 8.52
N GLY A 105 15.74 -0.98 8.21
CA GLY A 105 14.84 -0.47 9.24
C GLY A 105 14.57 -1.49 10.33
N SER A 106 14.29 -2.73 9.92
CA SER A 106 13.89 -3.72 10.94
C SER A 106 15.08 -4.27 11.66
N LEU A 107 16.22 -4.44 10.99
CA LEU A 107 17.33 -5.12 11.65
C LEU A 107 18.30 -4.14 12.25
N MET A 108 18.67 -3.11 11.51
CA MET A 108 19.62 -2.13 12.04
C MET A 108 18.98 -1.22 13.07
N PHE A 109 17.73 -0.81 12.82
CA PHE A 109 17.08 0.16 13.70
C PHE A 109 15.98 -0.43 14.57
N GLY A 110 15.66 -1.71 14.40
CA GLY A 110 14.62 -2.28 15.25
C GLY A 110 13.23 -1.67 15.10
N GLU A 111 12.89 -1.18 13.90
CA GLU A 111 11.67 -0.42 13.71
C GLU A 111 10.67 -1.16 12.83
N SER A 112 9.38 -0.90 13.08
CA SER A 112 8.32 -1.61 12.38
CA SER A 112 8.30 -1.59 12.39
C SER A 112 7.90 -0.96 11.06
N GLN A 113 8.26 0.32 10.83
CA GLN A 113 7.88 1.02 9.59
C GLN A 113 9.10 1.54 8.88
N VAL A 114 9.02 1.56 7.56
CA VAL A 114 10.13 2.06 6.74
C VAL A 114 9.92 3.53 6.44
N ARG A 115 10.82 4.37 6.98
CA ARG A 115 10.83 5.80 6.71
C ARG A 115 11.76 6.08 5.55
N THR A 116 11.68 7.29 5.02
CA THR A 116 12.48 7.52 3.80
C THR A 116 13.99 7.50 4.07
N GLY A 117 14.43 7.74 5.30
CA GLY A 117 15.86 7.70 5.55
C GLY A 117 16.33 6.25 5.51
N TYR A 118 15.46 5.29 5.86
CA TYR A 118 15.87 3.88 5.69
C TYR A 118 15.89 3.48 4.23
N LEU A 119 15.01 4.06 3.40
CA LEU A 119 15.11 3.83 1.97
C LEU A 119 16.46 4.32 1.42
N VAL A 120 16.90 5.48 1.89
CA VAL A 120 18.20 5.98 1.43
C VAL A 120 19.32 5.03 1.84
N ILE A 121 19.34 4.55 3.10
CA ILE A 121 20.39 3.65 3.53
C ILE A 121 20.34 2.37 2.71
N GLY A 122 19.16 1.81 2.52
CA GLY A 122 19.07 0.53 1.79
C GLY A 122 19.59 0.70 0.35
N ILE A 123 19.23 1.82 -0.29
CA ILE A 123 19.75 2.11 -1.63
C ILE A 123 21.27 2.22 -1.65
N LEU A 124 21.83 2.97 -0.69
CA LEU A 124 23.28 3.15 -0.70
C LEU A 124 24.04 1.86 -0.47
N LYS A 125 23.42 0.93 0.23
CA LYS A 125 24.06 -0.35 0.51
C LYS A 125 23.91 -1.40 -0.56
N THR A 126 23.23 -1.08 -1.66
CA THR A 126 23.00 -2.04 -2.74
C THR A 126 23.62 -1.44 -4.00
N PRO A 127 24.68 -2.01 -4.55
CA PRO A 127 25.37 -1.29 -5.62
C PRO A 127 24.52 -0.90 -6.84
N SER A 128 23.64 -1.78 -7.27
CA SER A 128 22.79 -1.42 -8.43
C SER A 128 21.83 -0.26 -8.14
N LEU A 129 21.31 -0.18 -6.90
CA LEU A 129 20.43 0.93 -6.53
C LEU A 129 21.22 2.20 -6.33
N ARG A 130 22.41 2.09 -5.76
CA ARG A 130 23.22 3.29 -5.56
C ARG A 130 23.62 3.88 -6.93
N HIS A 131 23.87 3.02 -7.90
CA HIS A 131 24.25 3.49 -9.23
C HIS A 131 23.07 4.17 -9.89
N ALA A 132 21.88 3.61 -9.69
CA ALA A 132 20.68 4.28 -10.23
C ALA A 132 20.48 5.65 -9.64
N LEU A 133 20.66 5.73 -8.33
CA LEU A 133 20.45 6.96 -7.60
C LEU A 133 21.44 8.04 -8.05
N THR A 134 22.72 7.70 -8.15
CA THR A 134 23.68 8.73 -8.58
C THR A 134 23.50 9.09 -10.04
N GLY A 135 22.93 8.18 -10.83
CA GLY A 135 22.56 8.49 -12.20
C GLY A 135 21.53 9.62 -12.27
N LEU A 136 20.63 9.72 -11.30
CA LEU A 136 19.67 10.80 -11.23
C LEU A 136 20.33 12.13 -10.88
N SER A 137 21.26 12.10 -9.93
CA SER A 137 21.99 13.34 -9.58
C SER A 137 23.34 12.97 -9.01
N ALA A 138 24.39 13.59 -9.55
CA ALA A 138 25.69 13.43 -8.96
C ALA A 138 25.74 13.97 -7.54
N GLU A 139 24.77 14.80 -7.13
CA GLU A 139 24.71 15.25 -5.72
C GLU A 139 24.65 14.04 -4.78
N PHE A 140 23.97 12.97 -5.21
CA PHE A 140 23.86 11.84 -4.28
C PHE A 140 25.17 11.08 -4.03
N ALA A 141 26.21 11.31 -4.84
CA ALA A 141 27.51 10.77 -4.52
C ALA A 141 28.12 11.40 -3.29
N LYS A 142 27.54 12.50 -2.82
CA LYS A 142 28.01 13.13 -1.59
C LYS A 142 27.48 12.41 -0.32
N LEU A 143 26.49 11.54 -0.47
CA LEU A 143 25.99 10.79 0.69
C LEU A 143 27.01 9.81 1.18
N LYS A 144 27.10 9.68 2.48
CA LYS A 144 28.09 8.77 3.05
C LYS A 144 27.35 7.82 3.94
N VAL A 145 27.15 6.57 3.50
CA VAL A 145 26.27 5.70 4.26
C VAL A 145 26.80 5.39 5.66
N GLU A 146 28.12 5.41 5.87
CA GLU A 146 28.66 5.16 7.20
C GLU A 146 28.22 6.24 8.18
N ALA A 147 28.14 7.48 7.70
CA ALA A 147 27.71 8.60 8.53
C ALA A 147 26.23 8.50 8.78
N LEU A 148 25.48 8.16 7.74
CA LEU A 148 24.05 8.10 7.86
CA LEU A 148 24.03 8.05 7.85
C LEU A 148 23.59 6.97 8.80
N THR A 149 24.28 5.84 8.82
CA THR A 149 23.89 4.77 9.73
C THR A 149 24.36 5.09 11.16
N GLU A 150 25.57 5.60 11.34
CA GLU A 150 26.04 5.83 12.69
C GLU A 150 25.44 7.05 13.34
N ARG A 151 25.01 8.01 12.52
CA ARG A 151 24.60 9.34 13.02
C ARG A 151 23.18 9.67 12.48
N PHE A 152 22.37 8.62 12.34
CA PHE A 152 21.06 8.77 11.69
C PHE A 152 20.24 9.90 12.32
N ASP A 153 20.15 9.92 13.64
CA ASP A 153 19.30 10.94 14.27
C ASP A 153 19.81 12.33 14.01
N GLU A 154 21.14 12.49 13.97
CA GLU A 154 21.70 13.79 13.65
C GLU A 154 21.31 14.20 12.22
N TYR A 155 21.35 13.22 11.30
CA TYR A 155 21.02 13.55 9.91
C TYR A 155 19.54 13.88 9.72
N VAL A 156 18.62 13.23 10.45
CA VAL A 156 17.24 13.48 10.12
C VAL A 156 16.61 14.58 10.99
N GLY A 157 17.30 15.03 12.03
CA GLY A 157 16.86 16.21 12.79
C GLY A 157 15.41 16.12 13.26
N ALA A 158 14.60 17.13 12.92
CA ALA A 158 13.22 17.15 13.41
C ALA A 158 12.24 16.72 12.30
N SER A 159 12.68 15.82 11.44
CA SER A 159 11.80 15.29 10.40
C SER A 159 10.44 14.84 10.92
N PRO A 160 9.36 15.07 10.14
CA PRO A 160 8.05 14.58 10.56
C PRO A 160 7.97 13.07 10.57
N GLU A 161 8.97 12.36 10.02
CA GLU A 161 8.90 10.90 10.06
C GLU A 161 9.38 10.40 11.43
N ASN A 162 9.76 11.31 12.32
CA ASN A 162 10.10 10.94 13.70
C ASN A 162 8.90 10.47 14.45
N GLY A 163 9.06 9.73 15.42
N MET B 3 -20.45 19.06 2.79
CA MET B 3 -20.45 17.62 2.76
C MET B 3 -21.10 17.03 4.00
N SER B 4 -22.29 16.46 3.82
CA SER B 4 -22.94 15.68 4.86
C SER B 4 -22.57 14.21 4.71
N GLU B 5 -21.48 13.96 4.00
CA GLU B 5 -21.02 12.60 3.87
C GLU B 5 -19.82 12.37 4.78
N ILE B 6 -19.79 11.22 5.42
CA ILE B 6 -18.64 10.79 6.20
C ILE B 6 -17.38 10.72 5.30
N SER B 7 -16.27 11.30 5.76
CA SER B 7 -15.06 11.38 4.90
C SER B 7 -14.34 10.03 4.77
N ARG B 8 -13.58 9.88 3.70
CA ARG B 8 -12.71 8.75 3.52
C ARG B 8 -11.75 8.59 4.73
N VAL B 9 -11.18 9.71 5.21
CA VAL B 9 -10.25 9.63 6.34
C VAL B 9 -10.93 9.08 7.61
N ALA B 10 -12.15 9.53 7.87
CA ALA B 10 -12.92 9.04 8.99
C ALA B 10 -13.19 7.53 8.90
N LEU B 11 -13.62 7.08 7.71
CA LEU B 11 -13.93 5.67 7.49
C LEU B 11 -12.70 4.85 7.66
N PHE B 12 -11.65 5.22 6.95
CA PHE B 12 -10.48 4.41 6.90
C PHE B 12 -9.77 4.44 8.22
N GLY B 13 -10.01 5.49 9.01
CA GLY B 13 -9.32 5.55 10.29
C GLY B 13 -9.77 4.48 11.28
N LYS B 14 -10.92 3.82 11.03
CA LYS B 14 -11.33 2.77 11.88
C LYS B 14 -10.79 1.39 11.48
N LEU B 15 -10.17 1.29 10.29
CA LEU B 15 -9.61 0.01 9.89
C LEU B 15 -8.43 -0.40 10.78
N ASN B 16 -8.27 -1.71 11.02
CA ASN B 16 -7.04 -2.15 11.64
C ASN B 16 -5.85 -2.06 10.66
N SER B 17 -4.63 -2.36 11.13
CA SER B 17 -3.51 -2.08 10.25
CA SER B 17 -3.44 -2.24 10.32
C SER B 17 -3.51 -3.04 9.01
N LEU B 18 -4.01 -4.25 9.11
CA LEU B 18 -3.98 -5.17 7.98
C LEU B 18 -5.00 -4.68 6.93
N ALA B 19 -6.23 -4.40 7.36
CA ALA B 19 -7.23 -3.96 6.39
C ALA B 19 -6.84 -2.66 5.75
N TYR B 20 -6.20 -1.78 6.55
CA TYR B 20 -5.75 -0.50 6.00
C TYR B 20 -4.58 -0.69 5.01
N LYS B 21 -3.63 -1.55 5.35
CA LYS B 21 -2.59 -1.80 4.35
C LYS B 21 -3.12 -2.36 3.09
N ALA B 22 -4.15 -3.20 3.18
CA ALA B 22 -4.71 -3.74 1.96
C ALA B 22 -5.50 -2.68 1.13
N ILE B 23 -6.17 -1.72 1.76
CA ILE B 23 -6.88 -0.68 0.99
C ILE B 23 -5.87 0.35 0.42
N GLU B 24 -4.72 0.57 1.09
CA GLU B 24 -3.67 1.45 0.48
C GLU B 24 -3.20 0.77 -0.79
N ALA B 25 -2.91 -0.52 -0.68
CA ALA B 25 -2.45 -1.25 -1.84
C ALA B 25 -3.51 -1.26 -2.93
N ALA B 26 -4.78 -1.49 -2.56
CA ALA B 26 -5.86 -1.50 -3.54
C ALA B 26 -5.91 -0.20 -4.28
N THR B 27 -5.68 0.90 -3.55
CA THR B 27 -5.77 2.24 -4.18
C THR B 27 -4.67 2.45 -5.17
N VAL B 28 -3.42 2.12 -4.82
CA VAL B 28 -2.32 2.32 -5.77
C VAL B 28 -2.49 1.38 -6.99
N PHE B 29 -2.89 0.14 -6.73
CA PHE B 29 -3.19 -0.85 -7.77
C PHE B 29 -4.24 -0.33 -8.73
N CYS B 30 -5.34 0.18 -8.17
N CYS B 30 -5.33 0.19 -8.17
CA CYS B 30 -6.35 0.87 -8.95
CA CYS B 30 -6.38 0.78 -9.01
C CYS B 30 -5.73 1.86 -9.89
C CYS B 30 -5.83 1.93 -9.88
N LYS B 31 -5.01 2.80 -9.30
CA LYS B 31 -4.43 3.93 -10.05
C LYS B 31 -3.48 3.44 -11.15
N LEU B 32 -2.64 2.46 -10.86
CA LEU B 32 -1.73 1.91 -11.87
C LEU B 32 -2.53 1.35 -13.03
N ARG B 33 -3.64 0.68 -12.73
CA ARG B 33 -4.47 0.04 -13.78
C ARG B 33 -5.31 1.05 -14.53
N GLY B 34 -5.47 2.26 -13.99
CA GLY B 34 -6.37 3.21 -14.61
C GLY B 34 -7.84 2.85 -14.40
N ASN B 35 -8.16 2.10 -13.35
CA ASN B 35 -9.57 1.82 -13.08
C ASN B 35 -10.18 3.03 -12.43
N PRO B 36 -11.44 3.36 -12.74
CA PRO B 36 -12.00 4.60 -12.17
C PRO B 36 -12.34 4.63 -10.70
N TYR B 37 -12.69 3.49 -10.07
CA TYR B 37 -13.09 3.45 -8.67
C TYR B 37 -12.35 2.34 -7.97
N VAL B 38 -12.00 2.59 -6.71
CA VAL B 38 -11.51 1.49 -5.89
C VAL B 38 -12.74 0.65 -5.52
N GLU B 39 -12.80 -0.59 -6.02
CA GLU B 39 -13.92 -1.53 -5.78
C GLU B 39 -13.61 -2.62 -4.74
N LEU B 40 -14.65 -3.28 -4.25
CA LEU B 40 -14.44 -4.38 -3.32
C LEU B 40 -13.48 -5.40 -3.92
N VAL B 41 -13.57 -5.66 -5.23
CA VAL B 41 -12.66 -6.64 -5.80
C VAL B 41 -11.18 -6.22 -5.67
N HIS B 42 -10.87 -4.92 -5.80
CA HIS B 42 -9.48 -4.50 -5.59
C HIS B 42 -9.03 -4.81 -4.15
N TRP B 43 -9.91 -4.50 -3.20
CA TRP B 43 -9.55 -4.64 -1.82
C TRP B 43 -9.40 -6.11 -1.44
N PHE B 44 -10.39 -6.94 -1.79
CA PHE B 44 -10.33 -8.34 -1.46
C PHE B 44 -9.21 -9.04 -2.17
N HIS B 45 -8.88 -8.63 -3.40
CA HIS B 45 -7.74 -9.22 -4.07
C HIS B 45 -6.45 -8.92 -3.26
N GLN B 46 -6.31 -7.68 -2.81
CA GLN B 46 -5.08 -7.36 -2.04
C GLN B 46 -5.04 -8.04 -0.68
N ILE B 47 -6.18 -8.17 0.00
CA ILE B 47 -6.18 -8.87 1.28
C ILE B 47 -5.66 -10.29 1.05
N LEU B 48 -6.20 -10.96 0.01
CA LEU B 48 -5.82 -12.34 -0.25
C LEU B 48 -4.38 -12.51 -0.69
N GLN B 49 -3.65 -11.43 -1.03
CA GLN B 49 -2.25 -11.57 -1.37
C GLN B 49 -1.34 -11.49 -0.14
N LEU B 50 -1.89 -11.07 1.01
CA LEU B 50 -1.10 -11.08 2.25
C LEU B 50 -0.80 -12.51 2.71
N PRO B 51 0.20 -12.66 3.60
CA PRO B 51 0.53 -13.99 4.12
C PRO B 51 -0.68 -14.69 4.79
N ASP B 52 -1.48 -13.91 5.49
CA ASP B 52 -2.63 -14.46 6.25
C ASP B 52 -3.52 -13.28 6.60
N SER B 53 -4.76 -13.59 7.03
CA SER B 53 -5.75 -12.58 7.37
C SER B 53 -6.95 -13.36 7.88
N ASP B 54 -7.93 -12.62 8.39
CA ASP B 54 -9.21 -13.28 8.69
C ASP B 54 -9.83 -13.91 7.47
N LEU B 55 -9.69 -13.23 6.31
CA LEU B 55 -10.28 -13.80 5.11
C LEU B 55 -9.65 -15.14 4.72
N HIS B 56 -8.30 -15.22 4.80
CA HIS B 56 -7.62 -16.50 4.52
C HIS B 56 -8.14 -17.57 5.48
N GLN B 57 -8.32 -17.20 6.74
CA GLN B 57 -8.73 -18.21 7.72
C GLN B 57 -10.20 -18.64 7.53
N ILE B 58 -11.07 -17.69 7.17
CA ILE B 58 -12.46 -18.03 6.88
C ILE B 58 -12.53 -18.95 5.65
N VAL B 59 -11.69 -18.69 4.65
CA VAL B 59 -11.57 -19.60 3.50
C VAL B 59 -11.13 -20.98 3.97
N ARG B 60 -10.08 -21.07 4.78
CA ARG B 60 -9.55 -22.35 5.27
C ARG B 60 -10.58 -23.15 6.09
N GLN B 61 -11.36 -22.45 6.91
CA GLN B 61 -12.30 -23.13 7.82
C GLN B 61 -13.69 -23.32 7.17
N SER B 62 -13.90 -22.81 5.96
CA SER B 62 -15.22 -22.92 5.30
C SER B 62 -15.30 -23.81 4.03
N GLY B 63 -14.20 -24.30 3.53
CA GLY B 63 -14.37 -25.13 2.33
C GLY B 63 -14.55 -24.34 1.05
N ILE B 64 -14.35 -23.04 1.15
CA ILE B 64 -14.13 -22.29 -0.05
C ILE B 64 -12.88 -22.78 -0.75
N ASP B 65 -12.95 -22.93 -2.07
CA ASP B 65 -11.81 -23.34 -2.89
C ASP B 65 -10.95 -22.12 -3.16
N PRO B 66 -9.74 -22.09 -2.58
CA PRO B 66 -9.00 -20.82 -2.67
C PRO B 66 -8.54 -20.50 -4.10
N ALA B 67 -8.28 -21.51 -4.91
CA ALA B 67 -7.88 -21.31 -6.28
C ALA B 67 -9.01 -20.69 -7.10
N ARG B 68 -10.21 -21.22 -6.90
CA ARG B 68 -11.37 -20.72 -7.63
C ARG B 68 -11.69 -19.28 -7.23
N LEU B 69 -11.58 -19.00 -5.94
CA LEU B 69 -11.85 -17.66 -5.47
C LEU B 69 -10.86 -16.69 -6.15
N ALA B 70 -9.57 -17.06 -6.17
CA ALA B 70 -8.53 -16.18 -6.70
C ALA B 70 -8.80 -15.90 -8.17
N LYS B 71 -9.14 -16.95 -8.92
CA LYS B 71 -9.47 -16.83 -10.33
C LYS B 71 -10.70 -15.95 -10.56
N ASP B 72 -11.74 -16.17 -9.76
CA ASP B 72 -12.95 -15.36 -9.83
C ASP B 72 -12.57 -13.86 -9.66
N LEU B 73 -11.72 -13.57 -8.67
CA LEU B 73 -11.34 -12.18 -8.43
C LEU B 73 -10.52 -11.59 -9.56
N THR B 74 -9.56 -12.35 -10.08
CA THR B 74 -8.74 -11.80 -11.17
C THR B 74 -9.57 -11.61 -12.43
N GLU B 75 -10.51 -12.51 -12.71
CA GLU B 75 -11.43 -12.29 -13.83
C GLU B 75 -12.27 -11.02 -13.63
N ALA B 76 -12.75 -10.79 -12.42
CA ALA B 76 -13.52 -9.59 -12.15
C ALA B 76 -12.67 -8.31 -12.32
N LEU B 77 -11.42 -8.34 -11.85
CA LEU B 77 -10.47 -7.24 -12.07
C LEU B 77 -10.29 -6.90 -13.52
N ASP B 78 -10.23 -7.93 -14.34
CA ASP B 78 -9.98 -7.71 -15.76
C ASP B 78 -11.24 -7.17 -16.44
N ARG B 79 -12.42 -7.35 -15.84
CA ARG B 79 -13.60 -6.80 -16.48
C ARG B 79 -13.76 -5.30 -16.18
N LEU B 80 -12.99 -4.74 -15.24
CA LEU B 80 -13.19 -3.32 -14.91
C LEU B 80 -12.76 -2.42 -16.03
N PRO B 81 -13.40 -1.24 -16.14
CA PRO B 81 -13.00 -0.27 -17.16
C PRO B 81 -11.60 0.30 -16.88
N ARG B 82 -10.88 0.69 -17.93
CA ARG B 82 -9.56 1.34 -17.78
C ARG B 82 -9.51 2.74 -18.40
N GLY B 83 -8.48 3.52 -18.05
CA GLY B 83 -8.20 4.81 -18.70
C GLY B 83 -8.79 6.06 -18.07
N ILE B 87 -8.65 11.22 -11.45
CA ILE B 87 -9.00 11.17 -10.03
C ILE B 87 -9.69 9.84 -9.73
N THR B 88 -9.50 9.32 -8.52
CA THR B 88 -9.93 7.98 -8.18
C THR B 88 -10.70 7.95 -6.85
N ASP B 89 -12.01 7.71 -6.91
CA ASP B 89 -12.84 7.71 -5.71
C ASP B 89 -13.04 6.27 -5.22
N LEU B 90 -13.49 6.11 -3.97
CA LEU B 90 -13.93 4.81 -3.52
C LEU B 90 -15.28 4.52 -4.17
N SER B 91 -15.52 3.24 -4.50
CA SER B 91 -16.90 2.84 -4.84
C SER B 91 -17.81 3.00 -3.66
N SER B 92 -19.10 3.18 -3.95
CA SER B 92 -20.08 3.17 -2.87
C SER B 92 -20.06 1.89 -2.06
N HIS B 93 -19.86 0.75 -2.71
CA HIS B 93 -19.85 -0.53 -1.97
C HIS B 93 -18.65 -0.58 -1.01
N VAL B 94 -17.52 -0.02 -1.36
CA VAL B 94 -16.39 -0.04 -0.39
C VAL B 94 -16.69 0.86 0.80
N GLU B 95 -17.26 2.04 0.55
CA GLU B 95 -17.63 2.92 1.66
C GLU B 95 -18.68 2.25 2.55
N GLU B 96 -19.67 1.62 1.92
N GLU B 96 -19.71 1.65 1.95
CA GLU B 96 -20.76 0.91 2.60
CA GLU B 96 -20.73 1.00 2.78
C GLU B 96 -20.23 -0.29 3.41
C GLU B 96 -20.10 -0.18 3.53
N ALA B 97 -19.24 -0.97 2.87
CA ALA B 97 -18.63 -2.13 3.56
C ALA B 97 -17.90 -1.66 4.78
N VAL B 98 -17.14 -0.55 4.71
CA VAL B 98 -16.46 -0.09 5.92
C VAL B 98 -17.51 0.32 6.97
N GLU B 99 -18.55 1.07 6.58
CA GLU B 99 -19.56 1.46 7.55
C GLU B 99 -20.20 0.23 8.22
N ARG B 100 -20.57 -0.79 7.44
CA ARG B 100 -21.19 -1.99 8.07
C ARG B 100 -20.18 -2.72 8.93
N GLY B 101 -18.93 -2.82 8.47
CA GLY B 101 -17.89 -3.44 9.27
C GLY B 101 -17.74 -2.75 10.62
N TRP B 102 -17.81 -1.42 10.60
CA TRP B 102 -17.72 -0.64 11.85
C TRP B 102 -18.98 -0.83 12.74
N VAL B 103 -20.18 -0.85 12.13
CA VAL B 103 -21.37 -1.04 12.94
C VAL B 103 -21.28 -2.39 13.66
N TYR B 104 -20.96 -3.46 12.93
CA TYR B 104 -20.87 -4.76 13.61
C TYR B 104 -19.64 -4.83 14.50
N GLY B 105 -18.49 -4.35 14.07
CA GLY B 105 -17.29 -4.40 14.92
C GLY B 105 -17.53 -3.68 16.23
N SER B 106 -18.09 -2.46 16.17
CA SER B 106 -18.26 -1.70 17.41
C SER B 106 -19.42 -2.16 18.26
N LEU B 107 -20.53 -2.53 17.64
CA LEU B 107 -21.70 -2.82 18.45
C LEU B 107 -21.93 -4.31 18.69
N MET B 108 -21.56 -5.20 17.77
CA MET B 108 -21.69 -6.64 18.02
C MET B 108 -20.44 -7.19 18.71
N PHE B 109 -19.26 -6.67 18.37
CA PHE B 109 -18.02 -7.21 18.96
C PHE B 109 -17.39 -6.34 19.99
N GLY B 110 -17.86 -5.10 20.13
CA GLY B 110 -17.29 -4.20 21.14
C GLY B 110 -15.88 -3.74 20.87
N GLU B 111 -15.50 -3.71 19.60
CA GLU B 111 -14.09 -3.49 19.25
C GLU B 111 -13.86 -2.12 18.63
N SER B 112 -12.64 -1.60 18.81
CA SER B 112 -12.34 -0.28 18.35
C SER B 112 -11.81 -0.20 16.89
N GLN B 113 -11.41 -1.34 16.30
CA GLN B 113 -10.86 -1.37 14.93
C GLN B 113 -11.58 -2.42 14.14
N VAL B 114 -11.71 -2.12 12.86
CA VAL B 114 -12.42 -3.00 11.94
C VAL B 114 -11.44 -3.99 11.30
N ARG B 115 -11.61 -5.27 11.59
CA ARG B 115 -10.79 -6.33 10.98
C ARG B 115 -11.49 -6.90 9.76
N THR B 116 -10.76 -7.63 8.93
CA THR B 116 -11.38 -8.03 7.70
C THR B 116 -12.53 -9.00 7.92
N GLY B 117 -12.52 -9.78 9.02
CA GLY B 117 -13.67 -10.62 9.29
C GLY B 117 -14.92 -9.82 9.50
N TYR B 118 -14.79 -8.61 10.08
CA TYR B 118 -15.98 -7.80 10.27
C TYR B 118 -16.47 -7.19 8.95
N LEU B 119 -15.55 -6.95 8.00
CA LEU B 119 -16.01 -6.53 6.66
C LEU B 119 -16.83 -7.63 6.05
N VAL B 120 -16.41 -8.86 6.16
CA VAL B 120 -17.14 -9.97 5.57
C VAL B 120 -18.52 -10.08 6.23
N ILE B 121 -18.59 -10.04 7.56
CA ILE B 121 -19.88 -10.05 8.27
C ILE B 121 -20.76 -8.90 7.83
N GLY B 122 -20.21 -7.69 7.79
CA GLY B 122 -21.02 -6.52 7.50
C GLY B 122 -21.58 -6.59 6.10
N ILE B 123 -20.80 -7.12 5.18
CA ILE B 123 -21.32 -7.28 3.83
C ILE B 123 -22.39 -8.38 3.79
N LEU B 124 -22.09 -9.55 4.37
CA LEU B 124 -23.05 -10.66 4.29
C LEU B 124 -24.35 -10.43 5.05
N LYS B 125 -24.32 -9.60 6.10
CA LYS B 125 -25.49 -9.41 6.97
C LYS B 125 -26.38 -8.31 6.54
N THR B 126 -25.99 -7.68 5.46
CA THR B 126 -26.70 -6.50 5.01
C THR B 126 -27.36 -6.96 3.71
N PRO B 127 -28.64 -7.38 3.78
CA PRO B 127 -29.26 -8.03 2.61
C PRO B 127 -29.11 -7.25 1.32
N SER B 128 -29.02 -5.92 1.38
CA SER B 128 -28.86 -5.16 0.12
C SER B 128 -27.42 -5.18 -0.45
N LEU B 129 -26.44 -5.37 0.43
CA LEU B 129 -25.01 -5.29 0.06
C LEU B 129 -24.38 -6.64 -0.19
N ARG B 130 -25.08 -7.70 0.23
CA ARG B 130 -24.46 -9.03 0.23
C ARG B 130 -24.02 -9.49 -1.17
N HIS B 131 -24.81 -9.16 -2.19
N HIS B 131 -24.81 -9.12 -2.17
CA HIS B 131 -24.47 -9.49 -3.58
CA HIS B 131 -24.54 -9.47 -3.56
C HIS B 131 -23.14 -8.90 -4.03
C HIS B 131 -23.27 -8.78 -4.10
N ALA B 132 -22.68 -7.85 -3.35
CA ALA B 132 -21.37 -7.28 -3.70
C ALA B 132 -20.24 -8.31 -3.45
N LEU B 133 -20.51 -9.34 -2.66
CA LEU B 133 -19.53 -10.42 -2.52
C LEU B 133 -19.92 -11.65 -3.32
N THR B 134 -21.18 -12.06 -3.24
CA THR B 134 -21.50 -13.32 -3.88
C THR B 134 -21.41 -13.12 -5.39
N GLY B 135 -21.62 -11.89 -5.85
CA GLY B 135 -21.57 -11.60 -7.27
C GLY B 135 -20.13 -11.64 -7.79
N LEU B 136 -19.17 -11.43 -6.90
CA LEU B 136 -17.79 -11.49 -7.33
CA LEU B 136 -17.77 -11.49 -7.24
C LEU B 136 -17.30 -12.93 -7.41
N SER B 137 -17.73 -13.77 -6.48
CA SER B 137 -17.39 -15.20 -6.51
C SER B 137 -18.50 -16.00 -5.83
N ALA B 138 -19.00 -17.03 -6.50
CA ALA B 138 -20.01 -17.88 -5.85
C ALA B 138 -19.44 -18.61 -4.62
N GLU B 139 -18.12 -18.65 -4.49
CA GLU B 139 -17.55 -19.28 -3.33
C GLU B 139 -18.05 -18.65 -2.03
N PHE B 140 -18.33 -17.34 -2.05
CA PHE B 140 -18.74 -16.67 -0.82
C PHE B 140 -20.17 -17.11 -0.38
N ALA B 141 -20.91 -17.65 -1.31
CA ALA B 141 -22.23 -18.25 -0.98
C ALA B 141 -22.09 -19.52 -0.13
N LYS B 142 -20.87 -20.04 0.08
CA LYS B 142 -20.71 -21.16 1.00
C LYS B 142 -20.77 -20.75 2.45
N LEU B 143 -20.63 -19.45 2.70
CA LEU B 143 -20.57 -18.97 4.07
C LEU B 143 -21.95 -18.78 4.66
N LYS B 144 -22.16 -19.18 5.92
CA LYS B 144 -23.38 -18.84 6.63
C LYS B 144 -23.00 -17.79 7.65
N VAL B 145 -23.56 -16.61 7.50
CA VAL B 145 -23.07 -15.49 8.30
C VAL B 145 -23.44 -15.73 9.78
N GLU B 146 -24.53 -16.44 10.08
CA GLU B 146 -24.86 -16.73 11.48
C GLU B 146 -23.78 -17.58 12.15
N ALA B 147 -23.19 -18.48 11.38
CA ALA B 147 -22.09 -19.28 11.86
C ALA B 147 -20.89 -18.40 12.10
N LEU B 148 -20.66 -17.53 11.13
CA LEU B 148 -19.51 -16.68 11.19
CA LEU B 148 -19.51 -16.63 11.19
C LEU B 148 -19.57 -15.72 12.38
N THR B 149 -20.77 -15.24 12.73
CA THR B 149 -20.83 -14.34 13.88
C THR B 149 -20.82 -15.12 15.19
N GLU B 150 -21.56 -16.20 15.25
CA GLU B 150 -21.64 -16.98 16.48
C GLU B 150 -20.35 -17.73 16.81
N ARG B 151 -19.59 -18.13 15.79
CA ARG B 151 -18.37 -18.88 16.00
C ARG B 151 -17.22 -18.14 15.37
N PHE B 152 -17.23 -16.81 15.50
CA PHE B 152 -16.18 -16.00 14.85
C PHE B 152 -14.76 -16.45 15.20
N ASP B 153 -14.48 -16.73 16.48
CA ASP B 153 -13.10 -17.06 16.87
C ASP B 153 -12.70 -18.39 16.26
N GLU B 154 -13.63 -19.34 16.17
CA GLU B 154 -13.27 -20.59 15.49
C GLU B 154 -12.92 -20.32 14.04
N TYR B 155 -13.73 -19.52 13.35
CA TYR B 155 -13.41 -19.24 11.96
C TYR B 155 -12.10 -18.51 11.72
N VAL B 156 -11.75 -17.51 12.52
CA VAL B 156 -10.54 -16.76 12.19
C VAL B 156 -9.28 -17.41 12.78
N GLY B 157 -9.42 -18.39 13.68
CA GLY B 157 -8.27 -19.15 14.11
C GLY B 157 -7.12 -18.28 14.60
N ALA B 158 -5.92 -18.53 14.12
CA ALA B 158 -4.73 -17.79 14.54
C ALA B 158 -4.42 -16.63 13.63
N SER B 159 -5.48 -16.05 13.06
CA SER B 159 -5.28 -14.88 12.21
C SER B 159 -4.39 -13.81 12.84
N PRO B 160 -3.59 -13.11 12.02
CA PRO B 160 -2.78 -12.02 12.57
C PRO B 160 -3.61 -10.82 12.99
N GLU B 161 -4.92 -10.79 12.63
CA GLU B 161 -5.77 -9.69 13.08
C GLU B 161 -6.29 -9.90 14.51
N ASN B 162 -5.90 -11.02 15.16
CA ASN B 162 -6.23 -11.23 16.55
C ASN B 162 -5.53 -10.20 17.45
N GLY B 163 -6.03 -9.84 18.52
#